data_5O5S
#
_entry.id   5O5S
#
_cell.length_a   61.720
_cell.length_b   61.720
_cell.length_c   124.530
_cell.angle_alpha   90.00
_cell.angle_beta   90.00
_cell.angle_gamma   120.00
#
_symmetry.space_group_name_H-M   'P 65 2 2'
#
loop_
_entity.id
_entity.type
_entity.pdbx_description
1 polymer 'RNase adapter protein RapZ'
2 non-polymer 'MALONATE ION'
3 water water
#
_entity_poly.entity_id   1
_entity_poly.type   'polypeptide(L)'
_entity_poly.pdbx_seq_one_letter_code
;GKRERELTMVFESFGFKHGIPIDADYVFDVRFLPNPHWDPKLRPMTGLDKPVAAFLDRHTEVHNFIYQTRSYLELWLPML
ETNNRSYLTVAIGCTGGKHRSVYIAEQLADYFRSRGKNVQSRHRTLEKRKP
;
_entity_poly.pdbx_strand_id   A
#
# COMPACT_ATOMS: atom_id res chain seq x y z
N GLU A 6 -2.24 -7.44 20.51
CA GLU A 6 -2.50 -8.05 19.22
C GLU A 6 -1.47 -7.62 18.18
N LEU A 7 -1.30 -8.44 17.16
CA LEU A 7 -0.47 -8.10 16.01
C LEU A 7 -0.92 -6.76 15.44
N THR A 8 0.05 -5.86 15.22
CA THR A 8 -0.19 -4.59 14.56
C THR A 8 0.18 -4.73 13.08
N MET A 9 -0.77 -4.47 12.19
CA MET A 9 -0.53 -4.51 10.75
C MET A 9 -0.13 -3.14 10.29
N VAL A 10 1.07 -2.98 9.77
CA VAL A 10 1.55 -1.69 9.30
C VAL A 10 1.48 -1.74 7.77
N PHE A 11 0.90 -0.76 7.13
CA PHE A 11 0.87 -0.63 5.67
CA PHE A 11 0.91 -0.66 5.67
C PHE A 11 1.66 0.60 5.31
N GLU A 12 2.78 0.43 4.59
CA GLU A 12 3.59 1.57 4.26
C GLU A 12 3.80 1.66 2.77
N SER A 13 3.78 2.83 2.21
CA SER A 13 4.19 3.09 0.85
C SER A 13 5.63 3.58 0.81
N PHE A 14 6.29 3.32 -0.33
CA PHE A 14 7.64 3.83 -0.50
C PHE A 14 7.94 3.89 -1.99
N GLY A 15 9.04 4.58 -2.31
CA GLY A 15 9.57 4.59 -3.66
C GLY A 15 10.81 3.70 -3.72
N PHE A 16 10.82 2.79 -4.69
CA PHE A 16 12.01 1.95 -4.90
C PHE A 16 13.25 2.82 -5.13
N LYS A 17 13.09 4.02 -5.68
CA LYS A 17 14.26 4.87 -5.88
C LYS A 17 14.92 5.27 -4.56
N HIS A 18 14.20 5.17 -3.45
CA HIS A 18 14.74 5.49 -2.14
C HIS A 18 15.14 4.26 -1.34
N GLY A 19 14.92 3.07 -1.88
CA GLY A 19 15.25 1.83 -1.20
C GLY A 19 14.07 1.22 -0.46
N ILE A 20 14.17 -0.08 -0.23
CA ILE A 20 13.10 -0.80 0.46
C ILE A 20 13.16 -0.48 1.94
N PRO A 21 12.04 -0.17 2.59
CA PRO A 21 12.09 0.12 4.02
C PRO A 21 12.59 -1.04 4.84
N ILE A 22 13.45 -0.75 5.83
CA ILE A 22 14.13 -1.82 6.54
C ILE A 22 13.19 -2.57 7.48
N ASP A 23 12.02 -2.02 7.78
CA ASP A 23 11.10 -2.73 8.65
C ASP A 23 10.13 -3.62 7.89
N ALA A 24 10.26 -3.74 6.57
CA ALA A 24 9.27 -4.49 5.80
C ALA A 24 9.39 -5.99 6.05
N ASP A 25 8.26 -6.68 6.14
CA ASP A 25 8.17 -8.15 6.14
C ASP A 25 7.72 -8.68 4.79
N TYR A 26 6.72 -8.06 4.19
CA TYR A 26 6.29 -8.29 2.83
C TYR A 26 6.52 -7.05 2.03
N VAL A 27 6.92 -7.21 0.76
CA VAL A 27 7.06 -6.10 -0.17
C VAL A 27 6.33 -6.46 -1.43
N PHE A 28 5.44 -5.58 -1.91
CA PHE A 28 4.72 -5.77 -3.15
C PHE A 28 5.01 -4.63 -4.09
N ASP A 29 5.50 -4.97 -5.28
CA ASP A 29 5.82 -4.01 -6.32
C ASP A 29 4.56 -3.71 -7.14
N VAL A 30 4.17 -2.44 -7.25
CA VAL A 30 3.00 -2.06 -8.02
C VAL A 30 3.37 -1.24 -9.26
N ARG A 31 4.63 -1.31 -9.71
CA ARG A 31 5.06 -0.54 -10.88
C ARG A 31 4.42 -1.01 -12.18
N PHE A 32 3.68 -2.11 -12.18
CA PHE A 32 2.96 -2.57 -13.36
C PHE A 32 1.56 -1.97 -13.48
N LEU A 33 1.08 -1.30 -12.43
CA LEU A 33 -0.25 -0.71 -12.46
C LEU A 33 -0.23 0.58 -13.27
N PRO A 34 -1.39 1.07 -13.70
CA PRO A 34 -1.43 2.28 -14.53
C PRO A 34 -0.69 3.45 -13.87
N ASN A 35 0.09 4.14 -14.68
CA ASN A 35 1.08 5.07 -14.18
C ASN A 35 0.58 6.49 -14.45
N PRO A 36 0.30 7.29 -13.42
CA PRO A 36 -0.17 8.66 -13.65
C PRO A 36 0.94 9.66 -13.93
N HIS A 37 2.18 9.21 -14.13
CA HIS A 37 3.34 10.08 -14.17
C HIS A 37 3.29 11.08 -15.31
N TRP A 38 2.58 10.77 -16.39
CA TRP A 38 2.65 11.65 -17.55
C TRP A 38 1.44 12.58 -17.69
N ASP A 39 0.40 12.39 -16.87
CA ASP A 39 -0.65 13.38 -16.78
C ASP A 39 -0.13 14.51 -15.91
N PRO A 40 0.16 15.67 -16.48
CA PRO A 40 0.78 16.75 -15.69
C PRO A 40 -0.07 17.22 -14.53
N LYS A 41 -1.39 17.14 -14.63
CA LYS A 41 -2.22 17.55 -13.50
C LYS A 41 -2.06 16.62 -12.31
N LEU A 42 -1.79 15.32 -12.56
CA LEU A 42 -1.67 14.36 -11.46
C LEU A 42 -0.28 14.30 -10.88
N ARG A 43 0.76 14.64 -11.65
CA ARG A 43 2.13 14.55 -11.15
C ARG A 43 2.34 15.21 -9.80
N PRO A 44 1.93 16.46 -9.58
CA PRO A 44 2.18 17.08 -8.27
C PRO A 44 1.26 16.59 -7.16
N MET A 45 0.21 15.82 -7.49
CA MET A 45 -0.69 15.27 -6.48
C MET A 45 -0.12 13.99 -5.88
N THR A 46 -0.82 13.45 -4.89
CA THR A 46 -0.44 12.18 -4.29
C THR A 46 -1.58 11.17 -4.37
N GLY A 47 -1.30 9.93 -3.98
CA GLY A 47 -2.37 8.96 -3.95
C GLY A 47 -3.38 9.12 -2.85
N LEU A 48 -3.21 10.15 -2.00
CA LEU A 48 -4.26 10.55 -1.07
C LEU A 48 -5.32 11.41 -1.75
N ASP A 49 -5.04 11.95 -2.93
CA ASP A 49 -5.88 12.93 -3.58
C ASP A 49 -6.88 12.26 -4.49
N LYS A 50 -8.10 12.80 -4.52
CA LYS A 50 -9.18 12.18 -5.26
C LYS A 50 -8.92 12.03 -6.74
N PRO A 51 -8.28 12.96 -7.45
CA PRO A 51 -8.03 12.71 -8.88
C PRO A 51 -7.11 11.56 -9.13
N VAL A 52 -6.13 11.33 -8.24
CA VAL A 52 -5.21 10.21 -8.43
C VAL A 52 -5.93 8.90 -8.12
N ALA A 53 -6.70 8.86 -7.04
CA ALA A 53 -7.48 7.67 -6.72
C ALA A 53 -8.42 7.32 -7.86
N ALA A 54 -9.08 8.31 -8.47
CA ALA A 54 -9.99 8.06 -9.58
C ALA A 54 -9.25 7.56 -10.82
N PHE A 55 -8.06 8.13 -11.12
CA PHE A 55 -7.24 7.67 -12.23
C PHE A 55 -6.91 6.19 -12.08
N LEU A 56 -6.59 5.75 -10.85
CA LEU A 56 -6.24 4.37 -10.61
C LEU A 56 -7.47 3.49 -10.61
N ASP A 57 -8.52 3.90 -9.91
CA ASP A 57 -9.66 3.01 -9.77
C ASP A 57 -10.45 2.82 -11.06
N ARG A 58 -10.24 3.63 -12.10
CA ARG A 58 -10.94 3.33 -13.36
C ARG A 58 -10.39 2.10 -14.07
N HIS A 59 -9.32 1.52 -13.57
CA HIS A 59 -8.70 0.36 -14.19
C HIS A 59 -9.01 -0.86 -13.34
N THR A 60 -9.55 -1.89 -13.96
CA THR A 60 -10.00 -3.05 -13.20
CA THR A 60 -9.99 -3.09 -13.24
C THR A 60 -8.86 -3.73 -12.43
N GLU A 61 -7.64 -3.67 -12.94
CA GLU A 61 -6.57 -4.36 -12.26
C GLU A 61 -6.19 -3.73 -10.94
N VAL A 62 -6.57 -2.47 -10.72
CA VAL A 62 -6.25 -1.83 -9.45
C VAL A 62 -7.08 -2.43 -8.33
N HIS A 63 -8.41 -2.45 -8.50
CA HIS A 63 -9.22 -3.11 -7.50
C HIS A 63 -8.82 -4.57 -7.38
N ASN A 64 -8.53 -5.24 -8.50
CA ASN A 64 -8.19 -6.65 -8.37
C ASN A 64 -6.89 -6.81 -7.58
N PHE A 65 -5.90 -5.92 -7.80
CA PHE A 65 -4.67 -6.03 -7.00
C PHE A 65 -4.95 -5.90 -5.50
N ILE A 66 -5.80 -4.95 -5.11
CA ILE A 66 -6.12 -4.77 -3.70
C ILE A 66 -6.81 -6.01 -3.17
N TYR A 67 -7.86 -6.47 -3.89
CA TYR A 67 -8.60 -7.64 -3.44
C TYR A 67 -7.71 -8.88 -3.35
N GLN A 68 -6.91 -9.12 -4.37
CA GLN A 68 -6.09 -10.33 -4.38
C GLN A 68 -4.99 -10.26 -3.34
N THR A 69 -4.45 -9.06 -3.10
CA THR A 69 -3.38 -8.93 -2.12
C THR A 69 -3.91 -9.10 -0.71
N ARG A 70 -5.05 -8.50 -0.39
CA ARG A 70 -5.57 -8.76 0.96
C ARG A 70 -5.97 -10.22 1.12
N SER A 71 -6.43 -10.88 0.04
CA SER A 71 -6.82 -12.27 0.17
C SER A 71 -5.59 -13.13 0.42
N TYR A 72 -4.50 -12.85 -0.29
CA TYR A 72 -3.26 -13.58 -0.09
C TYR A 72 -2.78 -13.41 1.34
N LEU A 73 -2.77 -12.17 1.83
CA LEU A 73 -2.32 -11.95 3.20
C LEU A 73 -3.20 -12.70 4.21
N GLU A 74 -4.53 -12.75 3.96
CA GLU A 74 -5.44 -13.45 4.85
C GLU A 74 -5.17 -14.94 4.95
N LEU A 75 -4.49 -15.55 3.97
CA LEU A 75 -4.13 -16.97 4.09
C LEU A 75 -3.19 -17.18 5.27
N TRP A 76 -2.31 -16.22 5.54
CA TRP A 76 -1.22 -16.43 6.50
C TRP A 76 -1.47 -15.73 7.81
N LEU A 77 -2.42 -14.82 7.82
CA LEU A 77 -2.63 -13.96 8.99
C LEU A 77 -2.86 -14.77 10.25
N PRO A 78 -3.66 -15.84 10.25
CA PRO A 78 -3.81 -16.59 11.50
C PRO A 78 -2.52 -17.15 12.04
N MET A 79 -1.61 -17.62 11.17
CA MET A 79 -0.31 -18.09 11.64
C MET A 79 0.63 -16.95 12.00
N LEU A 80 0.47 -15.79 11.37
CA LEU A 80 1.32 -14.65 11.72
C LEU A 80 0.88 -14.01 13.03
N GLU A 81 -0.42 -13.97 13.30
CA GLU A 81 -0.93 -13.41 14.55
C GLU A 81 -0.46 -14.18 15.76
N THR A 82 0.29 -15.26 15.52
CA THR A 82 0.78 -16.14 16.55
C THR A 82 2.19 -16.64 16.19
N ASN A 83 3.08 -15.71 15.85
CA ASN A 83 4.44 -15.97 15.36
C ASN A 83 5.45 -15.22 16.23
N ASN A 84 5.15 -15.13 17.54
CA ASN A 84 5.95 -14.35 18.50
C ASN A 84 6.21 -12.95 17.95
N ARG A 85 5.16 -12.32 17.45
CA ARG A 85 5.29 -11.22 16.52
C ARG A 85 4.44 -10.04 16.97
N SER A 86 5.07 -8.88 17.08
CA SER A 86 4.32 -7.67 17.37
C SER A 86 3.80 -6.96 16.13
N TYR A 87 4.47 -7.12 15.00
CA TYR A 87 4.17 -6.36 13.81
C TYR A 87 4.21 -7.25 12.59
N LEU A 88 3.31 -6.98 11.67
CA LEU A 88 3.33 -7.48 10.32
C LEU A 88 3.37 -6.26 9.42
N THR A 89 4.49 -6.02 8.73
CA THR A 89 4.65 -4.79 7.98
C THR A 89 4.61 -5.12 6.50
N VAL A 90 3.66 -4.55 5.79
CA VAL A 90 3.44 -4.70 4.38
C VAL A 90 3.83 -3.43 3.71
N ALA A 91 4.85 -3.49 2.83
CA ALA A 91 5.36 -2.33 2.13
C ALA A 91 4.97 -2.41 0.68
N ILE A 92 4.38 -1.36 0.15
CA ILE A 92 3.93 -1.24 -1.22
C ILE A 92 4.84 -0.24 -1.91
N GLY A 93 5.50 -0.68 -3.02
CA GLY A 93 6.46 0.19 -3.66
C GLY A 93 6.12 0.54 -5.09
N CYS A 94 6.24 1.82 -5.41
CA CYS A 94 6.29 2.27 -6.80
C CYS A 94 7.64 2.95 -6.98
N THR A 95 7.85 3.68 -8.07
CA THR A 95 9.19 4.24 -8.26
C THR A 95 9.46 5.36 -7.29
N GLY A 96 8.54 6.34 -7.21
CA GLY A 96 8.78 7.49 -6.37
C GLY A 96 8.07 7.49 -5.04
N GLY A 97 7.09 6.61 -4.85
CA GLY A 97 6.37 6.54 -3.60
C GLY A 97 5.35 7.64 -3.40
N LYS A 98 4.83 8.24 -4.49
CA LYS A 98 3.87 9.34 -4.35
C LYS A 98 2.46 8.99 -4.77
N HIS A 99 2.29 8.11 -5.79
CA HIS A 99 0.97 7.92 -6.38
C HIS A 99 0.43 6.50 -6.20
N ARG A 100 0.90 5.54 -7.00
CA ARG A 100 0.35 4.18 -6.95
C ARG A 100 0.50 3.54 -5.57
N SER A 101 1.71 3.55 -5.03
CA SER A 101 1.94 2.87 -3.76
C SER A 101 1.13 3.49 -2.64
N VAL A 102 1.05 4.82 -2.60
CA VAL A 102 0.28 5.52 -1.57
C VAL A 102 -1.18 5.04 -1.62
N TYR A 103 -1.78 5.06 -2.80
CA TYR A 103 -3.19 4.67 -2.94
C TYR A 103 -3.41 3.24 -2.49
N ILE A 104 -2.55 2.31 -2.96
CA ILE A 104 -2.75 0.91 -2.65
C ILE A 104 -2.58 0.67 -1.16
N ALA A 105 -1.53 1.24 -0.54
CA ALA A 105 -1.35 1.10 0.91
C ALA A 105 -2.55 1.61 1.68
N GLU A 106 -3.10 2.75 1.25
CA GLU A 106 -4.31 3.28 1.90
C GLU A 106 -5.45 2.30 1.80
N GLN A 107 -5.68 1.73 0.62
CA GLN A 107 -6.82 0.84 0.44
C GLN A 107 -6.66 -0.44 1.24
N LEU A 108 -5.43 -0.98 1.31
CA LEU A 108 -5.22 -2.16 2.14
C LEU A 108 -5.45 -1.85 3.61
N ALA A 109 -4.86 -0.74 4.07
CA ALA A 109 -5.08 -0.35 5.48
C ALA A 109 -6.57 -0.17 5.82
N ASP A 110 -7.33 0.46 4.93
CA ASP A 110 -8.77 0.64 5.19
C ASP A 110 -9.46 -0.71 5.22
N TYR A 111 -9.08 -1.64 4.32
CA TYR A 111 -9.72 -2.95 4.32
C TYR A 111 -9.48 -3.68 5.64
N PHE A 112 -8.22 -3.75 6.11
CA PHE A 112 -7.98 -4.48 7.35
C PHE A 112 -8.57 -3.76 8.57
N ARG A 113 -8.56 -2.43 8.58
CA ARG A 113 -9.28 -1.71 9.63
C ARG A 113 -10.76 -2.17 9.66
N SER A 114 -11.39 -2.27 8.49
CA SER A 114 -12.78 -2.71 8.40
C SER A 114 -13.01 -4.10 8.94
N ARG A 115 -11.97 -4.95 8.97
CA ARG A 115 -12.06 -6.29 9.52
C ARG A 115 -11.77 -6.32 11.01
N GLY A 116 -11.60 -5.14 11.63
CA GLY A 116 -11.35 -5.11 13.06
C GLY A 116 -9.91 -5.36 13.44
N LYS A 117 -8.97 -5.33 12.48
CA LYS A 117 -7.57 -5.54 12.83
C LYS A 117 -6.94 -4.24 13.35
N ASN A 118 -5.90 -4.41 14.14
CA ASN A 118 -5.09 -3.29 14.59
C ASN A 118 -4.18 -2.86 13.46
N VAL A 119 -4.30 -1.62 13.00
CA VAL A 119 -3.61 -1.18 11.79
C VAL A 119 -2.95 0.17 11.97
N GLN A 120 -1.94 0.46 11.16
CA GLN A 120 -1.38 1.78 11.07
CA GLN A 120 -1.41 1.80 11.05
C GLN A 120 -0.84 1.96 9.66
N SER A 121 -0.90 3.12 9.10
CA SER A 121 -0.37 3.44 7.77
C SER A 121 0.76 4.42 7.89
N ARG A 122 1.65 4.39 6.88
CA ARG A 122 2.75 5.32 6.82
C ARG A 122 3.14 5.52 5.37
N HIS A 123 3.43 6.72 4.94
CA HIS A 123 3.82 7.04 3.57
C HIS A 123 5.23 7.61 3.62
N ARG A 124 6.23 6.78 3.28
CA ARG A 124 7.62 7.15 3.50
C ARG A 124 8.03 8.37 2.70
N THR A 125 7.56 8.51 1.45
CA THR A 125 7.92 9.68 0.64
CA THR A 125 7.96 9.69 0.68
C THR A 125 7.15 10.92 1.08
N LEU A 126 5.88 10.76 1.34
CA LEU A 126 5.07 11.92 1.70
C LEU A 126 5.49 12.52 3.02
N GLU A 127 6.01 11.71 3.94
CA GLU A 127 6.36 12.23 5.25
C GLU A 127 7.59 13.12 5.18
N LYS A 128 8.36 13.05 4.08
CA LYS A 128 9.48 13.96 3.86
C LYS A 128 9.04 15.27 3.20
#